data_3UTD
#
_entry.id   3UTD
#
_cell.length_a   70.110
_cell.length_b   80.390
_cell.length_c   111.240
_cell.angle_alpha   90.00
_cell.angle_beta   90.00
_cell.angle_gamma   90.00
#
_symmetry.space_group_name_H-M   'P 21 21 21'
#
loop_
_entity.id
_entity.type
_entity.pdbx_description
1 polymer '4-hydroxy-3-methylbut-2-enyl diphosphate reductase'
2 non-polymer 'FE3-S4 CLUSTER'
3 non-polymer '4-oxopentyl trihydrogen diphosphate'
4 water water
#
_entity_poly.entity_id   1
_entity_poly.type   'polypeptide(L)'
_entity_poly.pdbx_seq_one_letter_code
;HHHHHHGSMQILLANPRGFCAGVDRAISIVENALAIYGAPIYVRHEVVHNRYVVDSLRERGAIFIEQISEVPDGAILIFS
AHGVSQAVRNEAKSRDLTVFDATCPLVTKVHMEVARASRRGEESILIGHAGHPEVEGTMGQYSNPEGGMYLVESPDDVWK
LTVKNEEKLSFMTQTTLSVDDTSDVIDALRKRFPKIVGPRKDDICYATTNRQEAVRALAEQAEVVLVVGSKNSSNSNRLA
ELAQRMGKRAFLIDDAKDIQEEWVKEVKCVGVTAGASAPDILVQNVVARLQQLGGGEAIPLEGREENIVFEVPKELRVDI
REVD
;
_entity_poly.pdbx_strand_id   A,B
#
loop_
_chem_comp.id
_chem_comp.type
_chem_comp.name
_chem_comp.formula
0CJ non-polymer '4-oxopentyl trihydrogen diphosphate' 'C5 H12 O8 P2'
F3S non-polymer 'FE3-S4 CLUSTER' 'Fe3 S4'
#
# COMPACT_ATOMS: atom_id res chain seq x y z
N MET A 9 19.04 -34.33 7.41
CA MET A 9 17.91 -33.65 6.64
C MET A 9 18.10 -32.13 6.69
N GLN A 10 18.03 -31.46 5.53
CA GLN A 10 18.23 -30.02 5.50
C GLN A 10 16.84 -29.36 5.66
N ILE A 11 16.77 -28.29 6.49
CA ILE A 11 15.50 -27.53 6.68
C ILE A 11 15.66 -26.17 6.00
N LEU A 12 14.75 -25.86 5.05
CA LEU A 12 14.79 -24.55 4.35
C LEU A 12 13.56 -23.74 4.80
N LEU A 13 13.73 -22.42 5.01
CA LEU A 13 12.62 -21.55 5.37
C LEU A 13 12.29 -20.62 4.24
N ALA A 14 11.01 -20.50 3.88
CA ALA A 14 10.54 -19.62 2.77
C ALA A 14 10.68 -18.19 3.24
N ASN A 15 10.93 -17.31 2.31
CA ASN A 15 10.99 -15.91 2.60
C ASN A 15 10.42 -15.03 1.51
N PRO A 16 9.37 -14.22 1.78
CA PRO A 16 8.73 -14.02 3.11
C PRO A 16 7.81 -15.15 3.50
N ARG A 17 7.57 -15.23 4.80
CA ARG A 17 6.59 -16.13 5.38
C ARG A 17 5.97 -15.46 6.60
N GLY A 18 4.85 -15.99 7.07
CA GLY A 18 4.36 -15.51 8.38
C GLY A 18 3.67 -14.15 8.31
N PHE A 19 3.57 -13.48 9.46
CA PHE A 19 2.67 -12.30 9.57
C PHE A 19 2.84 -11.26 8.54
N CYS A 20 1.73 -10.80 8.00
CA CYS A 20 1.69 -9.60 7.16
C CYS A 20 1.35 -8.37 7.99
N ALA A 21 1.23 -7.21 7.34
CA ALA A 21 0.99 -5.98 8.10
C ALA A 21 -0.40 -5.90 8.59
N GLY A 22 -1.35 -6.49 7.85
CA GLY A 22 -2.76 -6.39 8.25
C GLY A 22 -2.98 -7.23 9.51
N VAL A 23 -2.34 -8.40 9.57
CA VAL A 23 -2.54 -9.34 10.70
C VAL A 23 -1.87 -8.76 11.96
N ASP A 24 -0.67 -8.17 11.81
CA ASP A 24 0.03 -7.60 13.00
C ASP A 24 -0.88 -6.46 13.55
N ARG A 25 -1.48 -5.66 12.68
CA ARG A 25 -2.31 -4.56 13.11
C ARG A 25 -3.53 -5.12 13.84
N ALA A 26 -4.15 -6.13 13.25
CA ALA A 26 -5.50 -6.59 13.75
C ALA A 26 -5.31 -7.22 15.15
N ILE A 27 -4.24 -7.99 15.30
CA ILE A 27 -3.97 -8.64 16.61
C ILE A 27 -3.65 -7.56 17.61
N SER A 28 -2.88 -6.54 17.20
CA SER A 28 -2.55 -5.44 18.16
C SER A 28 -3.77 -4.68 18.59
N ILE A 29 -4.73 -4.56 17.67
CA ILE A 29 -5.97 -3.80 17.99
C ILE A 29 -6.69 -4.54 19.17
N VAL A 30 -6.84 -5.86 19.08
CA VAL A 30 -7.51 -6.62 20.14
C VAL A 30 -6.68 -6.54 21.46
N GLU A 31 -5.36 -6.76 21.36
CA GLU A 31 -4.51 -6.79 22.56
C GLU A 31 -4.58 -5.44 23.25
N ASN A 32 -4.54 -4.38 22.47
CA ASN A 32 -4.48 -3.02 23.04
C ASN A 32 -5.84 -2.66 23.63
N ALA A 33 -6.93 -3.04 22.95
CA ALA A 33 -8.28 -2.88 23.55
C ALA A 33 -8.41 -3.61 24.89
N LEU A 34 -7.93 -4.87 24.96
CA LEU A 34 -7.90 -5.60 26.23
C LEU A 34 -7.09 -4.83 27.29
N ALA A 35 -5.93 -4.31 26.91
CA ALA A 35 -5.05 -3.61 27.88
C ALA A 35 -5.68 -2.27 28.35
N ILE A 36 -6.40 -1.59 27.47
CA ILE A 36 -6.94 -0.25 27.80
C ILE A 36 -8.27 -0.37 28.57
N TYR A 37 -9.14 -1.28 28.10
CA TYR A 37 -10.52 -1.43 28.62
C TYR A 37 -10.76 -2.62 29.51
N GLY A 38 -9.84 -3.56 29.50
CA GLY A 38 -10.03 -4.84 30.20
C GLY A 38 -10.96 -5.80 29.48
N ALA A 39 -11.06 -7.01 29.99
CA ALA A 39 -12.01 -7.96 29.50
C ALA A 39 -13.44 -7.65 29.97
N PRO A 40 -14.45 -8.05 29.18
CA PRO A 40 -14.35 -8.74 27.88
C PRO A 40 -14.28 -7.71 26.76
N ILE A 41 -13.64 -8.12 25.67
CA ILE A 41 -13.68 -7.39 24.40
C ILE A 41 -14.25 -8.41 23.40
N TYR A 42 -15.30 -7.99 22.69
CA TYR A 42 -15.94 -8.80 21.74
C TYR A 42 -15.31 -8.62 20.37
N VAL A 43 -15.19 -9.72 19.63
CA VAL A 43 -14.61 -9.70 18.29
C VAL A 43 -15.54 -10.41 17.33
N ARG A 44 -15.90 -9.71 16.27
CA ARG A 44 -16.77 -10.31 15.23
C ARG A 44 -15.90 -11.16 14.30
N HIS A 45 -16.05 -12.48 14.42
CA HIS A 45 -15.31 -13.51 13.71
C HIS A 45 -13.94 -13.65 14.31
N GLU A 46 -13.28 -14.80 14.11
CA GLU A 46 -11.85 -14.92 14.46
C GLU A 46 -11.07 -13.74 13.92
N VAL A 47 -10.30 -13.05 14.77
CA VAL A 47 -9.71 -11.81 14.32
C VAL A 47 -8.85 -12.09 13.06
N VAL A 48 -8.18 -13.23 13.08
CA VAL A 48 -7.45 -13.77 11.89
C VAL A 48 -7.70 -15.27 11.99
N HIS A 49 -7.54 -16.00 10.89
CA HIS A 49 -7.84 -17.48 10.90
C HIS A 49 -6.61 -18.22 11.37
N ASN A 50 -6.36 -18.08 12.66
CA ASN A 50 -5.29 -18.82 13.31
C ASN A 50 -5.76 -19.29 14.70
N ARG A 51 -5.81 -20.60 14.84
CA ARG A 51 -6.27 -21.24 16.08
C ARG A 51 -5.40 -20.79 17.30
N TYR A 52 -4.06 -20.74 17.17
CA TYR A 52 -3.21 -20.28 18.30
C TYR A 52 -3.49 -18.80 18.69
N VAL A 53 -3.60 -17.88 17.71
CA VAL A 53 -3.88 -16.50 17.99
C VAL A 53 -5.22 -16.34 18.65
N VAL A 54 -6.23 -17.01 18.11
CA VAL A 54 -7.58 -16.87 18.64
C VAL A 54 -7.66 -17.48 20.09
N ASP A 55 -7.12 -18.69 20.29
CA ASP A 55 -7.09 -19.26 21.68
C ASP A 55 -6.34 -18.38 22.67
N SER A 56 -5.22 -17.78 22.25
CA SER A 56 -4.42 -16.87 23.11
C SER A 56 -5.27 -15.71 23.57
N LEU A 57 -5.98 -15.15 22.63
CA LEU A 57 -6.77 -13.95 22.89
C LEU A 57 -7.99 -14.30 23.77
N ARG A 58 -8.62 -15.45 23.51
CA ARG A 58 -9.74 -15.94 24.34
C ARG A 58 -9.30 -16.04 25.82
N GLU A 59 -8.10 -16.56 26.04
CA GLU A 59 -7.59 -16.87 27.38
C GLU A 59 -7.35 -15.50 28.08
N ARG A 60 -7.14 -14.43 27.30
CA ARG A 60 -6.99 -13.12 27.90
C ARG A 60 -8.28 -12.34 27.97
N GLY A 61 -9.40 -12.90 27.51
CA GLY A 61 -10.72 -12.24 27.74
C GLY A 61 -11.45 -11.75 26.47
N ALA A 62 -10.85 -12.00 25.30
CA ALA A 62 -11.55 -11.72 24.05
C ALA A 62 -12.63 -12.80 23.88
N ILE A 63 -13.85 -12.36 23.49
CA ILE A 63 -14.95 -13.27 23.12
C ILE A 63 -15.27 -13.15 21.63
N PHE A 64 -15.08 -14.25 20.90
CA PHE A 64 -15.32 -14.33 19.45
C PHE A 64 -16.76 -14.74 19.13
N ILE A 65 -17.42 -13.87 18.40
CA ILE A 65 -18.84 -14.08 18.01
C ILE A 65 -19.04 -14.11 16.50
N GLU A 66 -20.10 -14.76 16.02
CA GLU A 66 -20.38 -14.68 14.58
C GLU A 66 -21.42 -13.64 14.27
N GLN A 67 -22.43 -13.52 15.12
CA GLN A 67 -23.50 -12.53 14.91
C GLN A 67 -23.53 -11.45 15.99
N ILE A 68 -23.91 -10.25 15.56
CA ILE A 68 -23.94 -9.08 16.46
C ILE A 68 -24.96 -9.28 17.58
N SER A 69 -26.00 -10.10 17.30
CA SER A 69 -27.00 -10.39 18.30
C SER A 69 -26.41 -11.20 19.48
N GLU A 70 -25.16 -11.66 19.37
CA GLU A 70 -24.39 -12.26 20.48
C GLU A 70 -23.66 -11.26 21.39
N VAL A 71 -23.70 -9.98 21.08
CA VAL A 71 -22.91 -8.99 21.84
C VAL A 71 -23.86 -8.19 22.70
N PRO A 72 -23.58 -8.06 24.00
CA PRO A 72 -24.40 -7.25 24.89
C PRO A 72 -24.36 -5.77 24.53
N ASP A 73 -25.45 -5.07 24.85
CA ASP A 73 -25.51 -3.58 24.69
C ASP A 73 -24.37 -2.94 25.45
N GLY A 74 -23.77 -1.90 24.87
CA GLY A 74 -22.68 -1.11 25.51
C GLY A 74 -21.29 -1.71 25.43
N ALA A 75 -21.17 -2.86 24.77
CA ALA A 75 -19.91 -3.61 24.72
C ALA A 75 -18.97 -2.96 23.71
N ILE A 76 -17.68 -3.29 23.81
CA ILE A 76 -16.66 -2.94 22.82
C ILE A 76 -16.59 -4.12 21.86
N LEU A 77 -16.77 -3.82 20.57
CA LEU A 77 -16.74 -4.85 19.50
C LEU A 77 -15.65 -4.52 18.51
N ILE A 78 -14.83 -5.49 18.12
CA ILE A 78 -13.81 -5.22 17.07
C ILE A 78 -14.17 -6.01 15.81
N PHE A 79 -14.11 -5.40 14.63
CA PHE A 79 -14.37 -6.23 13.41
C PHE A 79 -13.07 -6.94 13.03
N SER A 80 -13.13 -8.19 12.51
CA SER A 80 -11.88 -8.93 12.23
C SER A 80 -11.21 -8.39 10.99
N ALA A 81 -9.98 -8.86 10.73
CA ALA A 81 -9.14 -8.37 9.62
C ALA A 81 -9.83 -8.55 8.27
N HIS A 82 -10.70 -9.55 8.17
CA HIS A 82 -11.45 -9.87 6.92
C HIS A 82 -12.48 -8.88 6.51
N GLY A 83 -12.95 -8.06 7.45
CA GLY A 83 -13.93 -6.97 7.15
C GLY A 83 -15.38 -7.40 7.34
N VAL A 84 -16.34 -6.47 7.30
CA VAL A 84 -17.76 -6.82 7.55
C VAL A 84 -18.61 -6.09 6.56
N SER A 85 -19.83 -6.57 6.40
CA SER A 85 -20.77 -6.01 5.43
C SER A 85 -21.32 -4.68 6.02
N GLN A 86 -21.90 -3.86 5.14
CA GLN A 86 -22.59 -2.68 5.64
C GLN A 86 -23.70 -3.09 6.62
N ALA A 87 -24.38 -4.22 6.36
CA ALA A 87 -25.50 -4.63 7.23
C ALA A 87 -24.99 -4.93 8.65
N VAL A 88 -23.86 -5.62 8.74
CA VAL A 88 -23.25 -5.86 10.03
C VAL A 88 -22.86 -4.55 10.75
N ARG A 89 -22.24 -3.61 10.01
CA ARG A 89 -21.74 -2.40 10.58
C ARG A 89 -22.91 -1.56 11.03
N ASN A 90 -24.01 -1.58 10.26
CA ASN A 90 -25.24 -0.91 10.71
C ASN A 90 -25.93 -1.58 11.89
N GLU A 91 -25.95 -2.92 11.94
CA GLU A 91 -26.47 -3.63 13.08
C GLU A 91 -25.72 -3.29 14.40
N ALA A 92 -24.39 -3.24 14.32
CA ALA A 92 -23.54 -2.71 15.44
C ALA A 92 -23.85 -1.23 15.71
N LYS A 93 -23.91 -0.44 14.64
CA LYS A 93 -24.06 1.04 14.65
C LYS A 93 -25.40 1.46 15.23
N SER A 94 -26.39 0.59 15.10
CA SER A 94 -27.75 0.83 15.55
C SER A 94 -27.87 0.40 17.00
N ARG A 95 -26.98 -0.47 17.41
CA ARG A 95 -26.94 -0.92 18.79
C ARG A 95 -25.96 -0.04 19.55
N ASP A 96 -25.65 -0.46 20.76
CA ASP A 96 -25.02 0.44 21.72
C ASP A 96 -23.46 0.39 21.59
N LEU A 97 -22.95 -0.30 20.54
CA LEU A 97 -21.58 -0.81 20.59
C LEU A 97 -20.48 0.20 20.26
N THR A 98 -19.42 0.26 21.07
CA THR A 98 -18.18 0.96 20.70
C THR A 98 -17.39 0.03 19.78
N VAL A 99 -17.18 0.46 18.54
CA VAL A 99 -16.61 -0.35 17.50
C VAL A 99 -15.20 0.14 17.23
N PHE A 100 -14.27 -0.79 17.21
CA PHE A 100 -12.95 -0.55 16.58
C PHE A 100 -12.85 -1.45 15.38
N ASP A 101 -12.28 -0.94 14.29
CA ASP A 101 -12.30 -1.70 13.06
C ASP A 101 -10.91 -2.29 12.72
N ALA A 102 -10.71 -3.58 12.87
CA ALA A 102 -9.40 -4.16 12.52
C ALA A 102 -9.36 -4.64 11.07
N THR A 103 -10.38 -4.30 10.23
CA THR A 103 -10.33 -4.68 8.80
C THR A 103 -9.01 -4.23 8.22
N CYS A 104 -8.39 -5.12 7.46
CA CYS A 104 -7.13 -4.71 6.84
C CYS A 104 -7.33 -3.52 5.89
N PRO A 105 -6.40 -2.52 5.91
CA PRO A 105 -6.56 -1.42 4.92
C PRO A 105 -6.69 -1.93 3.47
N LEU A 106 -6.11 -3.09 3.13
CA LEU A 106 -6.12 -3.63 1.72
C LEU A 106 -7.46 -4.26 1.36
N VAL A 107 -8.23 -4.61 2.38
CA VAL A 107 -9.64 -5.00 2.17
C VAL A 107 -10.53 -3.77 2.06
N THR A 108 -10.33 -2.82 2.98
CA THR A 108 -11.05 -1.53 2.91
C THR A 108 -10.90 -0.88 1.54
N LYS A 109 -9.71 -0.98 0.88
CA LYS A 109 -9.54 -0.42 -0.47
C LYS A 109 -10.56 -1.04 -1.47
N VAL A 110 -10.71 -2.39 -1.39
CA VAL A 110 -11.67 -3.05 -2.25
C VAL A 110 -13.12 -2.65 -1.95
N HIS A 111 -13.41 -2.47 -0.66
CA HIS A 111 -14.79 -2.14 -0.23
C HIS A 111 -15.19 -0.78 -0.82
N MET A 112 -14.24 0.17 -0.83
CA MET A 112 -14.46 1.53 -1.35
C MET A 112 -14.80 1.45 -2.83
N GLU A 113 -14.15 0.53 -3.58
CA GLU A 113 -14.54 0.35 -5.01
C GLU A 113 -15.93 -0.26 -5.21
N VAL A 114 -16.31 -1.26 -4.39
CA VAL A 114 -17.63 -1.82 -4.52
C VAL A 114 -18.66 -0.75 -4.17
N ALA A 115 -18.36 0.08 -3.16
CA ALA A 115 -19.30 1.11 -2.71
C ALA A 115 -19.48 2.11 -3.84
N ARG A 116 -18.36 2.45 -4.52
CA ARG A 116 -18.43 3.38 -5.67
C ARG A 116 -19.31 2.82 -6.77
N ALA A 117 -19.15 1.53 -7.09
CA ALA A 117 -19.96 0.91 -8.17
C ALA A 117 -21.45 0.88 -7.81
N SER A 118 -21.74 0.56 -6.55
CA SER A 118 -23.12 0.52 -6.07
C SER A 118 -23.76 1.89 -6.21
N ARG A 119 -23.07 2.93 -5.76
CA ARG A 119 -23.62 4.28 -5.89
C ARG A 119 -23.92 4.70 -7.33
N ARG A 120 -23.14 4.19 -8.29
CA ARG A 120 -23.38 4.42 -9.72
C ARG A 120 -24.46 3.55 -10.33
N GLY A 121 -24.94 2.58 -9.57
CA GLY A 121 -25.83 1.53 -10.07
C GLY A 121 -25.23 0.66 -11.18
N GLU A 122 -23.90 0.55 -11.21
CA GLU A 122 -23.21 -0.25 -12.19
C GLU A 122 -22.85 -1.59 -11.56
N GLU A 123 -23.03 -2.66 -12.32
CA GLU A 123 -22.82 -4.04 -11.83
C GLU A 123 -21.37 -4.35 -11.58
N SER A 124 -21.15 -5.15 -10.55
CA SER A 124 -19.81 -5.59 -10.13
C SER A 124 -19.78 -7.10 -9.99
N ILE A 125 -18.61 -7.67 -10.31
CA ILE A 125 -18.36 -9.08 -10.16
C ILE A 125 -17.19 -9.21 -9.20
N LEU A 126 -17.37 -10.02 -8.13
CA LEU A 126 -16.25 -10.29 -7.22
C LEU A 126 -15.73 -11.73 -7.53
N ILE A 127 -14.42 -11.86 -7.62
CA ILE A 127 -13.78 -13.18 -7.70
C ILE A 127 -13.41 -13.57 -6.29
N GLY A 128 -13.91 -14.71 -5.84
CA GLY A 128 -13.60 -15.04 -4.43
C GLY A 128 -14.30 -16.34 -4.07
N HIS A 129 -14.09 -16.79 -2.83
CA HIS A 129 -14.59 -18.15 -2.42
C HIS A 129 -15.87 -18.01 -1.63
N ALA A 130 -16.97 -18.68 -2.09
CA ALA A 130 -18.29 -18.54 -1.38
C ALA A 130 -18.12 -18.91 0.09
N GLY A 131 -18.73 -18.12 0.99
CA GLY A 131 -18.83 -18.44 2.45
C GLY A 131 -17.65 -17.89 3.21
N HIS A 132 -16.64 -17.37 2.49
CA HIS A 132 -15.49 -16.75 3.16
C HIS A 132 -15.88 -15.42 3.78
N PRO A 133 -15.45 -15.10 5.01
CA PRO A 133 -15.95 -13.87 5.64
C PRO A 133 -15.58 -12.62 4.83
N GLU A 134 -14.45 -12.64 4.10
CA GLU A 134 -14.11 -11.41 3.36
C GLU A 134 -15.06 -11.24 2.20
N VAL A 135 -15.46 -12.34 1.57
CA VAL A 135 -16.44 -12.26 0.48
C VAL A 135 -17.76 -11.75 1.01
N GLU A 136 -18.21 -12.26 2.16
CA GLU A 136 -19.45 -11.68 2.78
C GLU A 136 -19.39 -10.20 2.97
N GLY A 137 -18.26 -9.71 3.52
CA GLY A 137 -18.08 -8.32 3.76
C GLY A 137 -17.97 -7.48 2.48
N THR A 138 -17.29 -8.00 1.45
CA THR A 138 -17.14 -7.21 0.24
C THR A 138 -18.43 -7.20 -0.57
N MET A 139 -19.07 -8.36 -0.79
CA MET A 139 -20.41 -8.41 -1.46
C MET A 139 -21.33 -7.47 -0.67
N GLY A 140 -21.13 -7.46 0.64
CA GLY A 140 -21.98 -6.67 1.56
C GLY A 140 -21.78 -5.16 1.52
N GLN A 141 -20.87 -4.63 0.68
CA GLN A 141 -20.79 -3.20 0.44
C GLN A 141 -21.71 -2.78 -0.71
N TYR A 142 -22.26 -3.72 -1.45
CA TYR A 142 -23.08 -3.35 -2.62
C TYR A 142 -24.53 -3.35 -2.22
N SER A 143 -25.24 -2.21 -2.34
CA SER A 143 -26.64 -2.19 -1.89
C SER A 143 -27.66 -1.77 -2.93
N ASN A 144 -27.22 -1.26 -4.05
CA ASN A 144 -28.13 -0.66 -5.04
C ASN A 144 -28.89 -1.76 -5.82
N PRO A 145 -30.22 -1.88 -5.62
CA PRO A 145 -31.03 -2.90 -6.33
C PRO A 145 -31.08 -2.72 -7.84
N GLU A 146 -30.76 -1.51 -8.32
CA GLU A 146 -30.76 -1.22 -9.75
C GLU A 146 -29.54 -1.78 -10.47
N GLY A 147 -28.47 -2.08 -9.72
CA GLY A 147 -27.29 -2.70 -10.32
C GLY A 147 -27.29 -4.18 -10.00
N GLY A 148 -26.16 -4.71 -9.53
CA GLY A 148 -26.14 -6.12 -9.12
C GLY A 148 -24.72 -6.42 -8.69
N MET A 149 -24.57 -7.42 -7.86
CA MET A 149 -23.25 -7.87 -7.38
C MET A 149 -23.20 -9.38 -7.48
N TYR A 150 -22.24 -9.91 -8.24
CA TYR A 150 -22.20 -11.33 -8.51
C TYR A 150 -20.87 -11.91 -8.04
N LEU A 151 -20.87 -13.15 -7.55
CA LEU A 151 -19.67 -13.82 -7.15
C LEU A 151 -19.31 -14.87 -8.18
N VAL A 152 -18.04 -14.91 -8.62
CA VAL A 152 -17.52 -16.03 -9.38
C VAL A 152 -16.28 -16.63 -8.76
N GLU A 153 -16.14 -17.96 -8.86
CA GLU A 153 -14.96 -18.66 -8.25
C GLU A 153 -14.06 -19.20 -9.31
N SER A 154 -14.57 -19.42 -10.51
CA SER A 154 -13.82 -20.21 -11.51
C SER A 154 -14.18 -19.70 -12.91
N PRO A 155 -13.38 -20.07 -13.95
CA PRO A 155 -13.84 -19.79 -15.32
C PRO A 155 -15.25 -20.35 -15.58
N ASP A 156 -15.60 -21.52 -15.06
CA ASP A 156 -16.90 -22.08 -15.43
C ASP A 156 -18.00 -21.17 -14.88
N ASP A 157 -17.76 -20.58 -13.71
CA ASP A 157 -18.75 -19.63 -13.15
C ASP A 157 -18.92 -18.42 -14.05
N VAL A 158 -17.82 -17.93 -14.66
CA VAL A 158 -17.85 -16.80 -15.59
C VAL A 158 -18.70 -17.19 -16.83
N TRP A 159 -18.49 -18.43 -17.31
CA TRP A 159 -19.17 -18.95 -18.52
C TRP A 159 -20.67 -19.02 -18.29
N LYS A 160 -21.11 -19.12 -17.04
CA LYS A 160 -22.53 -19.19 -16.88
C LYS A 160 -23.21 -17.93 -16.43
N LEU A 161 -22.44 -16.88 -16.20
CA LEU A 161 -23.02 -15.69 -15.62
C LEU A 161 -23.72 -14.85 -16.65
N THR A 162 -24.88 -14.29 -16.31
CA THR A 162 -25.50 -13.31 -17.20
C THR A 162 -25.75 -12.07 -16.37
N VAL A 163 -25.53 -10.91 -16.99
CA VAL A 163 -25.68 -9.64 -16.25
C VAL A 163 -26.66 -8.73 -16.98
N LYS A 164 -27.14 -7.70 -16.29
CA LYS A 164 -28.10 -6.77 -16.88
C LYS A 164 -27.54 -5.87 -17.96
N ASN A 165 -26.33 -5.38 -17.74
CA ASN A 165 -25.78 -4.42 -18.67
C ASN A 165 -24.26 -4.58 -18.75
N GLU A 166 -23.79 -5.30 -19.76
CA GLU A 166 -22.41 -5.63 -19.78
C GLU A 166 -21.47 -4.53 -20.30
N GLU A 167 -22.04 -3.38 -20.68
CA GLU A 167 -21.25 -2.21 -21.10
C GLU A 167 -20.78 -1.43 -19.87
N LYS A 168 -21.39 -1.70 -18.72
CA LYS A 168 -21.12 -0.96 -17.45
C LYS A 168 -20.88 -2.02 -16.35
N LEU A 169 -19.68 -2.58 -16.36
CA LEU A 169 -19.36 -3.74 -15.51
C LEU A 169 -17.96 -3.60 -14.95
N SER A 170 -17.78 -3.89 -13.68
CA SER A 170 -16.44 -3.91 -13.13
C SER A 170 -16.19 -5.14 -12.31
N PHE A 171 -14.92 -5.40 -12.02
CA PHE A 171 -14.60 -6.55 -11.18
C PHE A 171 -13.65 -6.18 -10.03
N MET A 172 -13.70 -7.01 -8.99
CA MET A 172 -12.84 -6.86 -7.77
C MET A 172 -12.45 -8.31 -7.39
N THR A 173 -11.47 -8.47 -6.51
CA THR A 173 -11.13 -9.80 -5.99
C THR A 173 -10.94 -9.79 -4.50
N GLN A 174 -11.07 -10.99 -3.95
CA GLN A 174 -10.65 -11.30 -2.61
C GLN A 174 -9.13 -11.15 -2.55
N THR A 175 -8.64 -10.78 -1.36
CA THR A 175 -7.18 -10.49 -1.25
C THR A 175 -6.27 -11.71 -1.14
N THR A 176 -6.85 -12.86 -0.74
CA THR A 176 -6.01 -14.05 -0.35
C THR A 176 -6.22 -15.26 -1.30
N LEU A 177 -6.42 -14.96 -2.56
CA LEU A 177 -6.58 -16.02 -3.58
C LEU A 177 -5.24 -16.46 -4.17
N SER A 178 -5.33 -17.57 -4.90
CA SER A 178 -4.24 -18.04 -5.80
C SER A 178 -4.03 -17.02 -6.91
N VAL A 179 -2.82 -16.45 -7.02
CA VAL A 179 -2.56 -15.51 -8.10
C VAL A 179 -2.79 -16.17 -9.47
N ASP A 180 -2.31 -17.43 -9.62
CA ASP A 180 -2.46 -18.14 -10.92
C ASP A 180 -3.95 -18.44 -11.24
N ASP A 181 -4.68 -19.03 -10.30
CA ASP A 181 -6.08 -19.38 -10.61
C ASP A 181 -6.90 -18.12 -10.86
N THR A 182 -6.58 -17.04 -10.19
CA THR A 182 -7.30 -15.79 -10.36
C THR A 182 -7.05 -15.16 -11.71
N SER A 183 -5.82 -15.28 -12.16
CA SER A 183 -5.44 -14.84 -13.51
C SER A 183 -6.29 -15.53 -14.55
N ASP A 184 -6.54 -16.84 -14.39
CA ASP A 184 -7.41 -17.59 -15.33
C ASP A 184 -8.88 -17.09 -15.30
N VAL A 185 -9.38 -16.74 -14.12
CA VAL A 185 -10.73 -16.21 -13.99
C VAL A 185 -10.82 -14.84 -14.67
N ILE A 186 -9.81 -14.00 -14.45
CA ILE A 186 -9.78 -12.68 -15.10
C ILE A 186 -9.70 -12.79 -16.62
N ASP A 187 -8.87 -13.73 -17.11
CA ASP A 187 -8.87 -13.97 -18.60
C ASP A 187 -10.27 -14.37 -19.14
N ALA A 188 -10.96 -15.25 -18.44
CA ALA A 188 -12.33 -15.63 -18.80
C ALA A 188 -13.26 -14.40 -18.74
N LEU A 189 -13.23 -13.62 -17.65
CA LEU A 189 -14.03 -12.37 -17.56
C LEU A 189 -13.82 -11.44 -18.77
N ARG A 190 -12.55 -11.24 -19.14
CA ARG A 190 -12.32 -10.28 -20.22
C ARG A 190 -12.72 -10.81 -21.56
N LYS A 191 -12.67 -12.12 -21.73
CA LYS A 191 -13.13 -12.70 -22.99
C LYS A 191 -14.66 -12.67 -23.08
N ARG A 192 -15.33 -12.97 -21.96
CA ARG A 192 -16.80 -12.99 -21.92
C ARG A 192 -17.36 -11.56 -21.97
N PHE A 193 -16.66 -10.63 -21.32
CA PHE A 193 -17.21 -9.27 -21.11
C PHE A 193 -16.15 -8.27 -21.50
N PRO A 194 -15.95 -8.08 -22.81
CA PRO A 194 -14.79 -7.31 -23.20
C PRO A 194 -14.76 -5.85 -22.70
N LYS A 195 -15.89 -5.26 -22.29
CA LYS A 195 -15.92 -3.90 -21.72
C LYS A 195 -15.68 -3.81 -20.21
N ILE A 196 -15.45 -4.92 -19.55
CA ILE A 196 -15.28 -4.96 -18.09
C ILE A 196 -14.05 -4.17 -17.64
N VAL A 197 -14.24 -3.43 -16.55
CA VAL A 197 -13.26 -2.53 -15.92
C VAL A 197 -12.74 -3.12 -14.59
N GLY A 198 -11.44 -3.01 -14.32
CA GLY A 198 -10.93 -3.55 -13.04
C GLY A 198 -9.58 -2.97 -12.79
N PRO A 199 -8.89 -3.52 -11.80
CA PRO A 199 -7.53 -3.10 -11.51
C PRO A 199 -6.60 -3.65 -12.62
N ARG A 200 -5.33 -3.27 -12.61
CA ARG A 200 -4.44 -3.75 -13.67
C ARG A 200 -4.41 -5.29 -13.70
N LYS A 201 -4.36 -5.89 -12.52
CA LYS A 201 -4.24 -7.36 -12.45
C LYS A 201 -5.36 -7.87 -11.53
N ASP A 202 -5.24 -7.67 -10.23
CA ASP A 202 -6.29 -8.18 -9.32
C ASP A 202 -6.17 -7.37 -8.01
N ASP A 203 -6.93 -7.73 -6.99
CA ASP A 203 -6.90 -7.08 -5.65
C ASP A 203 -6.21 -8.03 -4.67
N ILE A 204 -5.48 -9.02 -5.20
CA ILE A 204 -4.69 -9.91 -4.34
C ILE A 204 -3.59 -9.07 -3.66
N CYS A 205 -3.44 -9.23 -2.34
CA CYS A 205 -2.55 -8.29 -1.64
C CYS A 205 -1.08 -8.68 -1.79
N TYR A 206 -0.20 -7.71 -1.47
CA TYR A 206 1.28 -7.91 -1.52
C TYR A 206 1.70 -9.13 -0.74
N ALA A 207 1.10 -9.34 0.40
CA ALA A 207 1.57 -10.43 1.27
C ALA A 207 1.24 -11.81 0.63
N THR A 208 0.02 -11.90 0.04
CA THR A 208 -0.43 -13.17 -0.62
C THR A 208 0.46 -13.42 -1.83
N THR A 209 0.60 -12.41 -2.65
CA THR A 209 1.45 -12.55 -3.86
C THR A 209 2.88 -12.97 -3.44
N ASN A 210 3.42 -12.32 -2.42
CA ASN A 210 4.82 -12.57 -2.05
C ASN A 210 5.01 -13.95 -1.41
N ARG A 211 4.08 -14.37 -0.57
CA ARG A 211 4.21 -15.72 0.01
C ARG A 211 4.04 -16.82 -1.00
N GLN A 212 3.20 -16.60 -2.03
CA GLN A 212 3.12 -17.59 -3.11
C GLN A 212 4.40 -17.66 -3.95
N GLU A 213 4.97 -16.47 -4.25
CA GLU A 213 6.26 -16.44 -4.95
C GLU A 213 7.31 -17.18 -4.11
N ALA A 214 7.32 -16.91 -2.80
CA ALA A 214 8.30 -17.57 -1.89
C ALA A 214 8.13 -19.10 -1.79
N VAL A 215 6.87 -19.57 -1.73
CA VAL A 215 6.66 -21.02 -1.62
C VAL A 215 6.98 -21.70 -2.94
N ARG A 216 6.81 -21.01 -4.06
CA ARG A 216 7.23 -21.59 -5.34
C ARG A 216 8.77 -21.86 -5.32
N ALA A 217 9.50 -20.88 -4.84
CA ALA A 217 10.98 -20.98 -4.79
C ALA A 217 11.40 -22.09 -3.81
N LEU A 218 10.70 -22.15 -2.68
CA LEU A 218 10.91 -23.21 -1.69
C LEU A 218 10.65 -24.60 -2.25
N ALA A 219 9.53 -24.75 -2.97
CA ALA A 219 9.15 -26.06 -3.49
C ALA A 219 10.07 -26.56 -4.58
N GLU A 220 10.77 -25.64 -5.23
CA GLU A 220 11.74 -26.00 -6.26
C GLU A 220 12.97 -26.69 -5.66
N GLN A 221 13.22 -26.41 -4.38
CA GLN A 221 14.35 -27.01 -3.62
C GLN A 221 13.95 -28.19 -2.68
N ALA A 222 12.77 -28.12 -2.10
CA ALA A 222 12.34 -29.03 -1.02
C ALA A 222 11.51 -30.18 -1.56
N GLU A 223 11.66 -31.37 -0.96
CA GLU A 223 10.91 -32.56 -1.35
C GLU A 223 9.54 -32.53 -0.65
N VAL A 224 9.48 -32.01 0.58
CA VAL A 224 8.23 -31.93 1.32
C VAL A 224 8.11 -30.52 1.86
N VAL A 225 6.91 -29.90 1.84
CA VAL A 225 6.74 -28.54 2.36
C VAL A 225 5.72 -28.58 3.50
N LEU A 226 6.07 -27.97 4.64
CA LEU A 226 5.10 -27.81 5.73
C LEU A 226 4.65 -26.39 5.73
N VAL A 227 3.33 -26.16 5.75
CA VAL A 227 2.80 -24.77 5.81
C VAL A 227 2.15 -24.58 7.17
N VAL A 228 2.71 -23.69 7.99
CA VAL A 228 2.13 -23.41 9.29
C VAL A 228 0.93 -22.48 9.09
N GLY A 229 -0.23 -22.97 9.48
CA GLY A 229 -1.42 -22.20 9.30
C GLY A 229 -2.63 -23.05 9.62
N SER A 230 -3.76 -22.40 9.88
CA SER A 230 -4.99 -23.13 10.25
C SER A 230 -5.83 -23.57 9.05
N LYS A 231 -6.72 -24.57 9.23
CA LYS A 231 -7.47 -25.12 8.09
C LYS A 231 -8.38 -24.13 7.38
N ASN A 232 -8.83 -23.09 8.11
CA ASN A 232 -9.76 -22.14 7.58
C ASN A 232 -9.04 -20.89 7.11
N SER A 233 -7.75 -20.95 7.01
CA SER A 233 -7.05 -19.79 6.40
C SER A 233 -6.84 -19.99 4.89
N SER A 234 -7.53 -19.12 4.12
CA SER A 234 -7.45 -19.22 2.68
C SER A 234 -6.03 -19.04 2.21
N ASN A 235 -5.38 -17.94 2.66
CA ASN A 235 -3.98 -17.74 2.10
C ASN A 235 -3.04 -18.96 2.47
N SER A 236 -3.22 -19.58 3.64
CA SER A 236 -2.29 -20.69 4.05
C SER A 236 -2.60 -21.91 3.18
N ASN A 237 -3.88 -22.13 2.88
CA ASN A 237 -4.30 -23.24 2.00
C ASN A 237 -3.73 -23.02 0.57
N ARG A 238 -3.63 -21.78 0.13
CA ARG A 238 -3.09 -21.51 -1.24
C ARG A 238 -1.61 -21.90 -1.27
N LEU A 239 -0.90 -21.69 -0.14
CA LEU A 239 0.56 -22.03 -0.16
C LEU A 239 0.71 -23.53 -0.27
N ALA A 240 -0.08 -24.30 0.49
CA ALA A 240 0.06 -25.78 0.44
C ALA A 240 -0.30 -26.29 -0.96
N GLU A 241 -1.36 -25.72 -1.50
CA GLU A 241 -1.89 -26.14 -2.83
C GLU A 241 -0.85 -25.90 -3.89
N LEU A 242 -0.18 -24.75 -3.81
CA LEU A 242 0.80 -24.37 -4.80
C LEU A 242 1.94 -25.39 -4.77
N ALA A 243 2.45 -25.76 -3.58
CA ALA A 243 3.51 -26.78 -3.52
C ALA A 243 3.04 -28.16 -4.02
N GLN A 244 1.79 -28.52 -3.70
CA GLN A 244 1.23 -29.80 -4.14
C GLN A 244 1.13 -29.85 -5.67
N ARG A 245 0.78 -28.72 -6.32
CA ARG A 245 0.66 -28.70 -7.78
C ARG A 245 2.06 -28.80 -8.46
N MET A 246 3.09 -28.47 -7.70
CA MET A 246 4.45 -28.64 -8.14
C MET A 246 4.89 -30.06 -7.88
N GLY A 247 4.01 -30.90 -7.31
CA GLY A 247 4.34 -32.33 -7.18
C GLY A 247 5.10 -32.66 -5.87
N LYS A 248 5.10 -31.72 -4.93
CA LYS A 248 5.72 -31.97 -3.62
C LYS A 248 4.62 -32.34 -2.62
N ARG A 249 4.86 -33.30 -1.76
CA ARG A 249 3.93 -33.52 -0.61
C ARG A 249 3.95 -32.25 0.23
N ALA A 250 2.78 -31.72 0.54
CA ALA A 250 2.68 -30.47 1.34
C ALA A 250 1.59 -30.65 2.35
N PHE A 251 1.84 -30.20 3.59
CA PHE A 251 0.88 -30.37 4.69
C PHE A 251 0.64 -29.02 5.35
N LEU A 252 -0.62 -28.72 5.61
CA LEU A 252 -1.02 -27.54 6.37
C LEU A 252 -1.14 -28.00 7.84
N ILE A 253 -0.37 -27.37 8.73
CA ILE A 253 -0.33 -27.77 10.13
C ILE A 253 -0.49 -26.60 11.07
N ASP A 254 -1.21 -26.79 12.18
CA ASP A 254 -1.37 -25.73 13.16
C ASP A 254 -0.20 -25.62 14.05
N ASP A 255 0.46 -26.75 14.32
CA ASP A 255 1.68 -26.68 15.12
C ASP A 255 2.48 -27.95 15.06
N ALA A 256 3.57 -27.96 15.82
CA ALA A 256 4.58 -29.03 15.69
C ALA A 256 4.06 -30.42 16.04
N LYS A 257 3.05 -30.48 16.91
CA LYS A 257 2.44 -31.76 17.29
C LYS A 257 1.78 -32.48 16.12
N ASP A 258 1.42 -31.74 15.05
CA ASP A 258 0.69 -32.28 13.89
C ASP A 258 1.66 -33.06 12.98
N ILE A 259 2.98 -32.86 13.13
CA ILE A 259 3.96 -33.44 12.20
C ILE A 259 4.02 -34.98 12.41
N GLN A 260 3.73 -35.73 11.35
CA GLN A 260 3.82 -37.16 11.41
C GLN A 260 5.21 -37.58 10.93
N GLU A 261 5.87 -38.46 11.68
CA GLU A 261 7.23 -38.89 11.37
C GLU A 261 7.37 -39.41 9.91
N GLU A 262 6.36 -40.17 9.41
CA GLU A 262 6.39 -40.72 8.06
C GLU A 262 6.57 -39.60 6.98
N TRP A 263 6.13 -38.38 7.30
CA TRP A 263 6.10 -37.38 6.23
C TRP A 263 7.51 -36.97 5.91
N VAL A 264 8.43 -37.11 6.88
CA VAL A 264 9.80 -36.68 6.66
C VAL A 264 10.86 -37.83 6.75
N LYS A 265 10.44 -39.06 7.04
CA LYS A 265 11.36 -40.23 7.03
C LYS A 265 12.10 -40.30 5.68
N GLU A 266 13.42 -40.24 5.69
CA GLU A 266 14.12 -40.47 4.42
C GLU A 266 14.14 -39.22 3.52
N VAL A 267 13.58 -38.09 3.99
CA VAL A 267 13.54 -36.87 3.21
C VAL A 267 14.84 -36.14 3.43
N LYS A 268 15.53 -35.74 2.36
CA LYS A 268 16.79 -35.01 2.52
C LYS A 268 16.60 -33.47 2.61
N CYS A 269 15.48 -32.95 2.11
CA CYS A 269 15.29 -31.50 2.16
C CYS A 269 13.83 -31.22 2.46
N VAL A 270 13.54 -30.63 3.64
CA VAL A 270 12.15 -30.28 4.06
C VAL A 270 12.04 -28.77 4.06
N GLY A 271 10.95 -28.22 3.55
CA GLY A 271 10.88 -26.74 3.50
C GLY A 271 9.74 -26.35 4.41
N VAL A 272 9.83 -25.16 5.03
CA VAL A 272 8.74 -24.72 5.94
C VAL A 272 8.35 -23.31 5.57
N THR A 273 7.05 -23.05 5.51
CA THR A 273 6.63 -21.66 5.38
C THR A 273 5.48 -21.47 6.32
N ALA A 274 4.88 -20.28 6.30
CA ALA A 274 3.79 -20.00 7.17
C ALA A 274 2.87 -19.02 6.49
N GLY A 275 1.55 -19.17 6.72
CA GLY A 275 0.56 -18.24 6.19
C GLY A 275 0.68 -16.87 6.90
N ALA A 276 0.00 -15.87 6.32
CA ALA A 276 0.01 -14.46 6.79
C ALA A 276 -0.54 -14.31 8.21
N SER A 277 -1.37 -15.28 8.67
CA SER A 277 -2.03 -15.26 9.98
C SER A 277 -1.30 -16.12 11.05
N ALA A 278 -0.14 -16.72 10.68
CA ALA A 278 0.53 -17.66 11.64
C ALA A 278 1.72 -17.01 12.35
N PRO A 279 1.69 -16.96 13.70
CA PRO A 279 2.86 -16.35 14.40
C PRO A 279 4.16 -17.11 14.34
N ASP A 280 5.21 -16.36 14.42
CA ASP A 280 6.54 -16.92 14.23
C ASP A 280 6.88 -17.98 15.31
N ILE A 281 6.35 -17.82 16.52
CA ILE A 281 6.64 -18.84 17.55
C ILE A 281 6.21 -20.26 17.08
N LEU A 282 5.14 -20.34 16.27
CA LEU A 282 4.69 -21.66 15.76
C LEU A 282 5.76 -22.24 14.83
N VAL A 283 6.32 -21.39 13.98
CA VAL A 283 7.37 -21.83 13.03
C VAL A 283 8.59 -22.27 13.83
N GLN A 284 8.96 -21.48 14.86
CA GLN A 284 10.10 -21.88 15.69
C GLN A 284 9.92 -23.27 16.31
N ASN A 285 8.70 -23.59 16.76
CA ASN A 285 8.43 -24.89 17.36
C ASN A 285 8.40 -26.02 16.33
N VAL A 286 7.96 -25.71 15.10
CA VAL A 286 8.00 -26.69 14.02
C VAL A 286 9.45 -27.01 13.66
N VAL A 287 10.27 -25.98 13.60
CA VAL A 287 11.70 -26.16 13.28
C VAL A 287 12.32 -27.04 14.40
N ALA A 288 11.92 -26.80 15.66
CA ALA A 288 12.49 -27.54 16.80
C ALA A 288 12.14 -29.01 16.68
N ARG A 289 10.88 -29.29 16.27
CA ARG A 289 10.47 -30.67 16.05
C ARG A 289 11.18 -31.31 14.88
N LEU A 290 11.31 -30.62 13.76
CA LEU A 290 12.07 -31.22 12.62
C LEU A 290 13.55 -31.56 12.98
N GLN A 291 14.19 -30.70 13.79
CA GLN A 291 15.46 -30.97 14.41
C GLN A 291 15.48 -32.26 15.22
N GLN A 292 14.45 -32.55 16.00
CA GLN A 292 14.38 -33.81 16.77
C GLN A 292 14.27 -34.97 15.79
N LEU A 293 13.68 -34.67 14.65
CA LEU A 293 13.51 -35.70 13.66
C LEU A 293 14.69 -35.75 12.69
N GLY A 294 15.79 -35.07 13.01
CA GLY A 294 17.02 -35.33 12.25
C GLY A 294 17.41 -34.12 11.45
N GLY A 295 16.59 -33.08 11.42
CA GLY A 295 17.01 -31.89 10.66
C GLY A 295 18.18 -31.11 11.29
N GLY A 296 18.89 -30.31 10.48
CA GLY A 296 19.96 -29.44 10.99
C GLY A 296 19.51 -28.00 11.24
N GLU A 297 20.45 -27.05 11.24
CA GLU A 297 20.10 -25.61 11.38
C GLU A 297 19.20 -25.18 10.22
N ALA A 298 18.16 -24.40 10.50
CA ALA A 298 17.22 -23.97 9.46
C ALA A 298 17.85 -22.91 8.61
N ILE A 299 17.75 -23.02 7.30
CA ILE A 299 18.40 -22.04 6.42
C ILE A 299 17.33 -21.20 5.75
N PRO A 300 17.26 -19.88 6.04
CA PRO A 300 16.27 -19.04 5.38
C PRO A 300 16.68 -18.82 3.90
N LEU A 301 15.76 -18.98 2.97
CA LEU A 301 16.05 -18.62 1.55
C LEU A 301 16.10 -17.11 1.41
N GLU A 302 16.81 -16.62 0.39
CA GLU A 302 16.82 -15.20 0.03
C GLU A 302 15.43 -14.88 -0.47
N GLY A 303 14.92 -13.72 -0.14
CA GLY A 303 13.55 -13.43 -0.56
C GLY A 303 13.30 -11.98 -0.79
N ARG A 304 12.16 -11.67 -1.40
CA ARG A 304 11.75 -10.31 -1.64
C ARG A 304 11.55 -9.60 -0.29
N GLU A 305 12.05 -8.38 -0.16
CA GLU A 305 11.97 -7.66 1.09
C GLU A 305 10.52 -7.17 1.28
N GLU A 306 10.00 -7.23 2.51
CA GLU A 306 8.71 -6.53 2.80
C GLU A 306 8.98 -5.43 3.76
N ASN A 307 8.36 -4.25 3.58
CA ASN A 307 8.66 -3.14 4.47
C ASN A 307 7.38 -2.40 4.92
N ILE A 308 6.19 -2.96 4.66
CA ILE A 308 4.93 -2.24 5.00
C ILE A 308 4.52 -2.57 6.44
N VAL A 309 4.15 -1.53 7.17
CA VAL A 309 3.55 -1.63 8.50
C VAL A 309 2.23 -0.86 8.47
N PHE A 310 1.16 -1.41 9.12
CA PHE A 310 -0.06 -0.58 9.27
C PHE A 310 -0.24 -0.33 10.75
N GLU A 311 -0.34 0.95 11.15
CA GLU A 311 -0.47 1.31 12.60
C GLU A 311 -1.88 1.06 13.15
N VAL A 312 -1.96 0.81 14.46
CA VAL A 312 -3.28 0.77 15.14
C VAL A 312 -3.88 2.16 15.14
N PRO A 313 -5.21 2.28 15.22
CA PRO A 313 -5.74 3.63 15.30
C PRO A 313 -5.25 4.37 16.58
N LYS A 314 -5.21 5.70 16.51
CA LYS A 314 -4.61 6.49 17.60
C LYS A 314 -5.34 6.23 18.90
N GLU A 315 -6.67 6.01 18.82
CA GLU A 315 -7.49 5.65 19.98
C GLU A 315 -6.94 4.50 20.80
N LEU A 316 -6.23 3.55 20.15
CA LEU A 316 -5.73 2.33 20.78
C LEU A 316 -4.20 2.29 20.98
N ARG A 317 -3.54 3.44 20.91
CA ARG A 317 -2.06 3.46 21.16
C ARG A 317 -1.80 3.17 22.63
N MET B 9 -6.88 36.47 15.38
CA MET B 9 -6.67 35.53 14.21
C MET B 9 -6.69 34.05 14.63
N GLN B 10 -7.55 33.25 14.00
CA GLN B 10 -7.60 31.83 14.28
C GLN B 10 -6.68 31.05 13.32
N ILE B 11 -5.92 30.12 13.89
CA ILE B 11 -4.98 29.29 13.10
C ILE B 11 -5.58 27.87 12.97
N LEU B 12 -5.81 27.42 11.73
CA LEU B 12 -6.30 26.07 11.47
C LEU B 12 -5.19 25.22 10.89
N LEU B 13 -5.12 23.94 11.27
CA LEU B 13 -4.12 23.06 10.68
C LEU B 13 -4.81 21.98 9.88
N ALA B 14 -4.34 21.73 8.68
CA ALA B 14 -4.96 20.68 7.84
C ALA B 14 -4.56 19.29 8.36
N ASN B 15 -5.43 18.30 8.14
CA ASN B 15 -5.09 16.91 8.54
C ASN B 15 -5.64 15.97 7.50
N PRO B 16 -4.78 15.12 6.91
CA PRO B 16 -3.30 15.03 7.15
C PRO B 16 -2.48 16.20 6.55
N ARG B 17 -1.26 16.40 7.04
CA ARG B 17 -0.30 17.33 6.43
C ARG B 17 1.10 16.71 6.64
N GLY B 18 2.11 17.21 5.88
CA GLY B 18 3.49 16.90 6.23
C GLY B 18 3.81 15.44 5.90
N PHE B 19 4.84 14.92 6.55
CA PHE B 19 5.51 13.67 6.12
C PHE B 19 4.56 12.53 5.76
N CYS B 20 4.77 11.93 4.61
CA CYS B 20 4.14 10.64 4.23
C CYS B 20 5.11 9.53 4.61
N ALA B 21 4.66 8.30 4.33
CA ALA B 21 5.43 7.13 4.70
C ALA B 21 6.70 7.02 3.87
N GLY B 22 6.63 7.41 2.58
CA GLY B 22 7.82 7.28 1.70
C GLY B 22 8.93 8.24 2.13
N VAL B 23 8.56 9.44 2.51
CA VAL B 23 9.56 10.47 2.89
C VAL B 23 10.18 10.09 4.25
N ASP B 24 9.33 9.69 5.22
CA ASP B 24 9.87 9.24 6.53
C ASP B 24 10.94 8.16 6.28
N ARG B 25 10.65 7.18 5.41
CA ARG B 25 11.59 6.09 5.11
C ARG B 25 12.86 6.64 4.41
N ALA B 26 12.67 7.53 3.44
CA ALA B 26 13.81 8.01 2.63
C ALA B 26 14.81 8.76 3.51
N ILE B 27 14.29 9.68 4.32
CA ILE B 27 15.18 10.43 5.24
C ILE B 27 15.85 9.53 6.22
N SER B 28 15.07 8.59 6.75
CA SER B 28 15.66 7.64 7.73
C SER B 28 16.76 6.80 7.11
N ILE B 29 16.62 6.46 5.82
CA ILE B 29 17.70 5.75 5.12
C ILE B 29 18.97 6.57 5.12
N VAL B 30 18.90 7.85 4.78
CA VAL B 30 20.15 8.66 4.73
C VAL B 30 20.71 8.85 6.17
N GLU B 31 19.83 9.12 7.13
CA GLU B 31 20.25 9.37 8.51
C GLU B 31 20.89 8.11 9.09
N ASN B 32 20.30 6.96 8.83
CA ASN B 32 20.81 5.75 9.45
C ASN B 32 22.10 5.31 8.76
N ALA B 33 22.19 5.51 7.43
CA ALA B 33 23.47 5.24 6.73
C ALA B 33 24.59 6.11 7.31
N LEU B 34 24.32 7.38 7.58
CA LEU B 34 25.31 8.27 8.22
C LEU B 34 25.69 7.78 9.62
N ALA B 35 24.70 7.33 10.39
CA ALA B 35 24.94 6.75 11.73
C ALA B 35 25.80 5.51 11.71
N ILE B 36 25.57 4.61 10.75
CA ILE B 36 26.25 3.31 10.70
C ILE B 36 27.63 3.41 10.10
N TYR B 37 27.76 4.11 8.98
CA TYR B 37 28.99 4.10 8.19
C TYR B 37 29.76 5.39 8.33
N GLY B 38 29.12 6.38 8.90
CA GLY B 38 29.70 7.72 9.00
C GLY B 38 29.67 8.56 7.72
N ALA B 39 30.10 9.80 7.82
CA ALA B 39 30.22 10.64 6.61
C ALA B 39 31.49 10.32 5.81
N PRO B 40 31.47 10.55 4.49
CA PRO B 40 30.35 10.99 3.66
C PRO B 40 29.44 9.84 3.27
N ILE B 41 28.16 10.16 3.02
CA ILE B 41 27.24 9.25 2.31
C ILE B 41 26.78 10.04 1.09
N TYR B 42 26.87 9.45 -0.10
CA TYR B 42 26.47 10.10 -1.38
C TYR B 42 24.98 9.83 -1.65
N VAL B 43 24.26 10.87 -2.08
CA VAL B 43 22.86 10.75 -2.44
C VAL B 43 22.65 11.30 -3.84
N ARG B 44 22.03 10.48 -4.68
CA ARG B 44 21.74 10.94 -6.06
C ARG B 44 20.43 11.75 -6.10
N HIS B 45 20.54 13.08 -6.32
CA HIS B 45 19.43 14.02 -6.40
C HIS B 45 19.04 14.33 -4.94
N GLU B 46 18.34 15.45 -4.71
CA GLU B 46 17.83 15.70 -3.39
C GLU B 46 16.98 14.53 -2.88
N VAL B 47 17.23 14.08 -1.65
CA VAL B 47 16.57 12.82 -1.21
C VAL B 47 15.04 13.02 -1.29
N VAL B 48 14.61 14.20 -0.86
CA VAL B 48 13.21 14.71 -1.07
C VAL B 48 13.37 16.17 -1.42
N HIS B 49 12.33 16.72 -2.02
CA HIS B 49 12.36 18.13 -2.46
C HIS B 49 12.03 19.06 -1.31
N ASN B 50 12.94 19.11 -0.34
CA ASN B 50 12.76 20.06 0.75
C ASN B 50 14.11 20.66 1.16
N ARG B 51 14.20 21.99 1.06
CA ARG B 51 15.45 22.70 1.31
C ARG B 51 16.01 22.43 2.73
N TYR B 52 15.12 22.48 3.71
CA TYR B 52 15.54 22.28 5.11
C TYR B 52 16.07 20.83 5.33
N VAL B 53 15.37 19.81 4.78
CA VAL B 53 15.82 18.43 4.97
C VAL B 53 17.19 18.26 4.29
N VAL B 54 17.31 18.79 3.09
CA VAL B 54 18.56 18.60 2.30
C VAL B 54 19.70 19.33 3.02
N ASP B 55 19.45 20.56 3.45
CA ASP B 55 20.54 21.34 4.15
C ASP B 55 20.94 20.67 5.45
N SER B 56 19.93 20.14 6.16
CA SER B 56 20.16 19.43 7.40
C SER B 56 21.04 18.16 7.17
N LEU B 57 20.76 17.41 6.08
CA LEU B 57 21.52 16.19 5.85
C LEU B 57 22.92 16.53 5.32
N ARG B 58 23.03 17.61 4.56
CA ARG B 58 24.37 18.09 4.15
C ARG B 58 25.24 18.42 5.37
N GLU B 59 24.70 19.18 6.34
CA GLU B 59 25.40 19.55 7.58
C GLU B 59 25.90 18.31 8.34
N ARG B 60 25.19 17.17 8.18
CA ARG B 60 25.60 15.92 8.82
C ARG B 60 26.53 15.08 7.98
N GLY B 61 26.84 15.53 6.77
CA GLY B 61 27.83 14.85 5.97
C GLY B 61 27.30 14.13 4.73
N ALA B 62 26.00 14.27 4.42
CA ALA B 62 25.49 13.72 3.14
C ALA B 62 25.96 14.63 2.02
N ILE B 63 26.44 14.03 0.93
CA ILE B 63 26.84 14.77 -0.26
C ILE B 63 25.83 14.46 -1.41
N PHE B 64 25.12 15.49 -1.87
CA PHE B 64 24.12 15.39 -2.93
C PHE B 64 24.79 15.60 -4.27
N ILE B 65 24.66 14.58 -5.12
CA ILE B 65 25.32 14.64 -6.45
C ILE B 65 24.31 14.42 -7.59
N GLU B 66 24.73 14.77 -8.80
CA GLU B 66 23.83 14.73 -9.93
C GLU B 66 24.05 13.44 -10.71
N GLN B 67 25.30 13.01 -10.86
CA GLN B 67 25.58 11.78 -11.63
C GLN B 67 26.41 10.78 -10.82
N ILE B 68 26.19 9.51 -11.08
CA ILE B 68 26.86 8.46 -10.29
C ILE B 68 28.36 8.53 -10.53
N SER B 69 28.78 9.08 -11.65
CA SER B 69 30.23 9.13 -11.95
C SER B 69 30.94 10.12 -10.98
N GLU B 70 30.16 10.95 -10.25
CA GLU B 70 30.77 11.86 -9.23
C GLU B 70 31.10 11.13 -7.94
N VAL B 71 30.64 9.89 -7.78
CA VAL B 71 30.74 9.11 -6.54
C VAL B 71 31.99 8.24 -6.62
N PRO B 72 32.87 8.34 -5.61
CA PRO B 72 34.10 7.53 -5.60
C PRO B 72 33.85 6.05 -5.35
N ASP B 73 34.69 5.15 -5.90
CA ASP B 73 34.57 3.75 -5.56
C ASP B 73 34.69 3.52 -4.07
N GLY B 74 34.04 2.48 -3.61
CA GLY B 74 34.06 2.17 -2.16
C GLY B 74 33.00 2.96 -1.39
N ALA B 75 32.27 3.87 -2.02
CA ALA B 75 31.29 4.68 -1.28
C ALA B 75 29.92 4.00 -1.07
N ILE B 76 29.13 4.64 -0.21
CA ILE B 76 27.70 4.35 -0.05
C ILE B 76 26.93 5.38 -0.88
N LEU B 77 26.00 4.86 -1.69
CA LEU B 77 25.19 5.74 -2.57
C LEU B 77 23.74 5.47 -2.29
N ILE B 78 22.94 6.49 -2.15
CA ILE B 78 21.46 6.34 -1.84
C ILE B 78 20.71 6.93 -3.08
N PHE B 79 19.70 6.21 -3.57
CA PHE B 79 18.83 6.77 -4.61
C PHE B 79 17.71 7.54 -3.92
N SER B 80 17.27 8.69 -4.47
CA SER B 80 16.21 9.56 -3.83
C SER B 80 14.85 8.93 -3.85
N ALA B 81 13.91 9.52 -3.09
CA ALA B 81 12.60 8.90 -2.97
C ALA B 81 11.89 8.79 -4.36
N HIS B 82 12.26 9.70 -5.27
CA HIS B 82 11.59 9.85 -6.58
C HIS B 82 11.85 8.74 -7.51
N GLY B 83 12.92 7.96 -7.23
CA GLY B 83 13.23 6.81 -8.09
C GLY B 83 14.24 7.15 -9.16
N VAL B 84 14.76 6.11 -9.80
CA VAL B 84 15.79 6.30 -10.86
C VAL B 84 15.49 5.38 -12.03
N SER B 85 16.07 5.69 -13.18
CA SER B 85 15.87 4.89 -14.38
C SER B 85 16.69 3.59 -14.27
N GLN B 86 16.39 2.65 -15.15
CA GLN B 86 17.20 1.42 -15.24
C GLN B 86 18.61 1.77 -15.64
N ALA B 87 18.79 2.79 -16.49
CA ALA B 87 20.16 3.14 -16.88
C ALA B 87 20.99 3.54 -15.65
N VAL B 88 20.41 4.35 -14.78
CA VAL B 88 21.13 4.84 -13.55
C VAL B 88 21.40 3.64 -12.64
N ARG B 89 20.37 2.83 -12.43
CA ARG B 89 20.47 1.62 -11.61
C ARG B 89 21.60 0.73 -12.09
N ASN B 90 21.64 0.47 -13.39
CA ASN B 90 22.69 -0.43 -13.93
C ASN B 90 24.08 0.16 -13.84
N GLU B 91 24.19 1.46 -14.06
CA GLU B 91 25.48 2.10 -13.87
C GLU B 91 25.97 1.91 -12.41
N ALA B 92 25.07 2.05 -11.42
CA ALA B 92 25.49 1.98 -10.04
C ALA B 92 25.89 0.50 -9.77
N LYS B 93 25.14 -0.44 -10.38
CA LYS B 93 25.36 -1.89 -10.20
C LYS B 93 26.72 -2.34 -10.75
N SER B 94 27.19 -1.66 -11.78
CA SER B 94 28.41 -2.06 -12.43
C SER B 94 29.64 -1.52 -11.70
N ARG B 95 29.44 -0.59 -10.77
CA ARG B 95 30.50 0.06 -9.99
C ARG B 95 30.72 -0.59 -8.61
N ASP B 96 31.86 -0.30 -7.99
CA ASP B 96 32.19 -0.86 -6.68
C ASP B 96 31.60 0.11 -5.66
N LEU B 97 30.29 0.03 -5.49
CA LEU B 97 29.49 0.93 -4.64
C LEU B 97 28.54 0.08 -3.78
N THR B 98 28.23 0.56 -2.57
CA THR B 98 27.17 -0.02 -1.76
C THR B 98 25.96 0.89 -1.95
N VAL B 99 24.89 0.34 -2.52
CA VAL B 99 23.68 1.12 -2.88
C VAL B 99 22.52 0.82 -1.95
N PHE B 100 21.90 1.86 -1.35
CA PHE B 100 20.57 1.68 -0.76
C PHE B 100 19.53 2.48 -1.52
N ASP B 101 18.37 1.92 -1.66
CA ASP B 101 17.39 2.52 -2.56
C ASP B 101 16.29 3.14 -1.74
N ALA B 102 16.22 4.47 -1.67
CA ALA B 102 15.16 5.09 -0.89
C ALA B 102 13.96 5.41 -1.78
N THR B 103 13.92 4.90 -3.03
CA THR B 103 12.73 5.02 -3.89
C THR B 103 11.51 4.68 -3.07
N CYS B 104 10.51 5.54 -3.07
CA CYS B 104 9.29 5.11 -2.36
C CYS B 104 8.69 3.81 -2.98
N PRO B 105 8.20 2.88 -2.13
CA PRO B 105 7.55 1.69 -2.66
C PRO B 105 6.40 2.02 -3.63
N LEU B 106 5.73 3.17 -3.46
CA LEU B 106 4.61 3.46 -4.36
C LEU B 106 5.03 3.99 -5.71
N VAL B 107 6.29 4.37 -5.82
CA VAL B 107 6.94 4.66 -7.14
C VAL B 107 7.37 3.35 -7.72
N THR B 108 8.00 2.53 -6.90
CA THR B 108 8.47 1.19 -7.39
C THR B 108 7.30 0.41 -8.01
N LYS B 109 6.10 0.54 -7.42
CA LYS B 109 4.90 -0.14 -7.93
C LYS B 109 4.60 0.27 -9.38
N VAL B 110 4.72 1.59 -9.68
CA VAL B 110 4.45 2.08 -11.04
C VAL B 110 5.58 1.60 -11.99
N HIS B 111 6.81 1.64 -11.50
CA HIS B 111 8.01 1.13 -12.28
C HIS B 111 7.77 -0.28 -12.73
N MET B 112 7.26 -1.11 -11.82
CA MET B 112 7.01 -2.53 -12.18
C MET B 112 6.03 -2.64 -13.34
N GLU B 113 4.96 -1.81 -13.31
CA GLU B 113 4.00 -1.82 -14.43
C GLU B 113 4.57 -1.37 -15.76
N VAL B 114 5.42 -0.33 -15.71
CA VAL B 114 6.11 0.09 -16.95
C VAL B 114 7.02 -0.99 -17.49
N ALA B 115 7.75 -1.63 -16.59
CA ALA B 115 8.72 -2.68 -17.04
C ALA B 115 7.93 -3.83 -17.67
N ARG B 116 6.74 -4.10 -17.12
CA ARG B 116 5.90 -5.18 -17.66
C ARG B 116 5.47 -4.82 -19.10
N ALA B 117 4.94 -3.60 -19.26
CA ALA B 117 4.57 -3.11 -20.60
C ALA B 117 5.75 -3.15 -21.63
N SER B 118 6.96 -2.78 -21.19
CA SER B 118 8.14 -2.77 -22.04
C SER B 118 8.47 -4.21 -22.50
N ARG B 119 8.40 -5.17 -21.57
CA ARG B 119 8.64 -6.60 -21.87
C ARG B 119 7.72 -7.13 -22.99
N ARG B 120 6.46 -6.70 -22.95
CA ARG B 120 5.47 -7.07 -23.97
C ARG B 120 5.61 -6.29 -25.25
N GLY B 121 6.52 -5.31 -25.30
CA GLY B 121 6.68 -4.43 -26.47
C GLY B 121 5.45 -3.58 -26.69
N GLU B 122 4.67 -3.36 -25.63
CA GLU B 122 3.42 -2.63 -25.73
C GLU B 122 3.59 -1.20 -25.28
N GLU B 123 3.02 -0.27 -26.04
CA GLU B 123 3.24 1.18 -25.78
C GLU B 123 2.59 1.66 -24.50
N SER B 124 3.25 2.62 -23.87
CA SER B 124 2.75 3.13 -22.59
C SER B 124 2.75 4.64 -22.59
N ILE B 125 1.77 5.22 -21.93
CA ILE B 125 1.67 6.69 -21.80
C ILE B 125 1.77 7.04 -20.30
N LEU B 126 2.68 7.93 -19.95
CA LEU B 126 2.84 8.41 -18.56
C LEU B 126 2.19 9.77 -18.48
N ILE B 127 1.32 9.98 -17.50
CA ILE B 127 0.81 11.31 -17.21
C ILE B 127 1.76 11.91 -16.15
N GLY B 128 2.37 13.07 -16.44
CA GLY B 128 3.42 13.56 -15.53
C GLY B 128 3.95 14.88 -16.01
N HIS B 129 4.84 15.45 -15.20
CA HIS B 129 5.39 16.76 -15.54
C HIS B 129 6.75 16.65 -16.15
N ALA B 130 6.96 17.18 -17.36
CA ALA B 130 8.29 17.13 -17.96
C ALA B 130 9.41 17.63 -17.04
N GLY B 131 10.55 16.94 -17.01
CA GLY B 131 11.67 17.40 -16.20
C GLY B 131 11.67 16.92 -14.74
N HIS B 132 10.55 16.38 -14.24
CA HIS B 132 10.51 15.92 -12.83
C HIS B 132 11.36 14.63 -12.72
N PRO B 133 12.10 14.46 -11.64
CA PRO B 133 12.95 13.30 -11.48
C PRO B 133 12.13 12.02 -11.45
N GLU B 134 10.89 12.06 -10.94
CA GLU B 134 10.13 10.79 -10.94
C GLU B 134 9.74 10.36 -12.39
N VAL B 135 9.44 11.35 -13.22
CA VAL B 135 9.16 11.13 -14.66
C VAL B 135 10.37 10.54 -15.34
N GLU B 136 11.57 11.10 -15.06
CA GLU B 136 12.76 10.53 -15.66
C GLU B 136 12.89 9.10 -15.24
N GLY B 137 12.67 8.82 -13.94
CA GLY B 137 12.89 7.40 -13.45
C GLY B 137 11.88 6.40 -14.04
N THR B 138 10.64 6.84 -14.12
CA THR B 138 9.57 5.97 -14.61
C THR B 138 9.62 5.76 -16.12
N MET B 139 9.77 6.84 -16.91
CA MET B 139 10.00 6.66 -18.36
C MET B 139 11.22 5.74 -18.57
N GLY B 140 12.20 5.88 -17.67
CA GLY B 140 13.48 5.13 -17.72
C GLY B 140 13.33 3.66 -17.41
N GLN B 141 12.12 3.19 -17.13
CA GLN B 141 11.90 1.77 -16.94
C GLN B 141 11.53 1.08 -18.28
N TYR B 142 11.25 1.89 -19.29
CA TYR B 142 10.83 1.38 -20.62
C TYR B 142 12.04 1.29 -21.54
N SER B 143 12.39 0.12 -22.05
CA SER B 143 13.56 0.07 -22.93
C SER B 143 13.28 -0.57 -24.32
N ASN B 144 12.12 -1.21 -24.48
CA ASN B 144 11.79 -1.96 -25.71
C ASN B 144 11.60 -1.02 -26.91
N PRO B 145 12.57 -1.03 -27.85
CA PRO B 145 12.35 -0.17 -29.04
C PRO B 145 11.21 -0.62 -29.94
N GLU B 146 10.75 -1.88 -29.86
CA GLU B 146 9.53 -2.26 -30.59
C GLU B 146 8.27 -1.46 -30.18
N GLY B 147 8.29 -0.97 -28.92
CA GLY B 147 7.17 -0.32 -28.33
C GLY B 147 7.36 1.20 -28.34
N GLY B 148 7.08 1.80 -27.20
CA GLY B 148 7.29 3.24 -27.08
C GLY B 148 6.72 3.72 -25.77
N MET B 149 7.24 4.86 -25.28
CA MET B 149 6.83 5.46 -23.96
C MET B 149 6.68 6.93 -24.18
N TYR B 150 5.49 7.46 -23.93
CA TYR B 150 5.17 8.83 -24.28
C TYR B 150 4.74 9.55 -23.00
N LEU B 151 5.03 10.85 -22.93
CA LEU B 151 4.64 11.66 -21.78
C LEU B 151 3.57 12.59 -22.22
N VAL B 152 2.44 12.64 -21.46
CA VAL B 152 1.43 13.69 -21.65
C VAL B 152 1.19 14.46 -20.34
N GLU B 153 0.98 15.75 -20.47
CA GLU B 153 0.71 16.58 -19.29
C GLU B 153 -0.69 17.12 -19.22
N SER B 154 -1.38 17.17 -20.36
CA SER B 154 -2.64 17.89 -20.43
C SER B 154 -3.59 17.04 -21.38
N PRO B 155 -4.90 17.30 -21.36
CA PRO B 155 -5.80 16.73 -22.40
C PRO B 155 -5.33 17.13 -23.79
N ASP B 156 -4.80 18.35 -23.96
CA ASP B 156 -4.33 18.70 -25.30
C ASP B 156 -3.23 17.81 -25.83
N ASP B 157 -2.29 17.45 -24.94
CA ASP B 157 -1.19 16.52 -25.29
C ASP B 157 -1.75 15.18 -25.78
N VAL B 158 -2.83 14.71 -25.14
CA VAL B 158 -3.53 13.45 -25.52
C VAL B 158 -4.09 13.61 -26.94
N TRP B 159 -4.72 14.76 -27.20
CA TRP B 159 -5.33 14.96 -28.53
C TRP B 159 -4.33 15.01 -29.64
N LYS B 160 -3.09 15.43 -29.34
CA LYS B 160 -2.10 15.62 -30.39
C LYS B 160 -1.17 14.40 -30.51
N LEU B 161 -1.30 13.45 -29.62
CA LEU B 161 -0.39 12.30 -29.58
C LEU B 161 -0.55 11.28 -30.72
N THR B 162 0.57 10.84 -31.29
CA THR B 162 0.55 9.74 -32.26
C THR B 162 1.23 8.51 -31.65
N VAL B 163 0.56 7.36 -31.75
CA VAL B 163 1.03 6.09 -31.19
C VAL B 163 1.10 5.07 -32.34
N LYS B 164 1.88 4.01 -32.18
CA LYS B 164 2.04 3.03 -33.27
C LYS B 164 0.89 2.02 -33.34
N ASN B 165 0.37 1.64 -32.18
CA ASN B 165 -0.68 0.66 -32.11
C ASN B 165 -1.63 0.95 -30.96
N GLU B 166 -2.77 1.54 -31.32
CA GLU B 166 -3.78 1.99 -30.37
C GLU B 166 -4.46 0.82 -29.70
N GLU B 167 -4.34 -0.38 -30.27
CA GLU B 167 -5.03 -1.53 -29.71
C GLU B 167 -4.33 -2.09 -28.48
N LYS B 168 -3.04 -1.78 -28.37
CA LYS B 168 -2.24 -2.32 -27.27
C LYS B 168 -1.56 -1.18 -26.55
N LEU B 169 -2.32 -0.55 -25.64
CA LEU B 169 -1.84 0.67 -25.00
C LEU B 169 -2.11 0.64 -23.53
N SER B 170 -1.19 1.14 -22.71
CA SER B 170 -1.47 1.28 -21.27
C SER B 170 -1.06 2.67 -20.78
N PHE B 171 -1.57 3.07 -19.63
CA PHE B 171 -1.10 4.32 -19.03
C PHE B 171 -0.72 4.13 -17.58
N MET B 172 0.11 5.06 -17.09
CA MET B 172 0.54 5.18 -15.73
C MET B 172 0.60 6.66 -15.36
N THR B 173 0.69 6.96 -14.07
CA THR B 173 0.80 8.39 -13.71
C THR B 173 1.94 8.59 -12.68
N GLN B 174 2.47 9.82 -12.70
CA GLN B 174 3.23 10.33 -11.57
C GLN B 174 2.37 10.31 -10.26
N THR B 175 3.10 10.13 -9.13
CA THR B 175 2.41 9.86 -7.82
C THR B 175 1.91 11.19 -7.21
N THR B 176 2.54 12.32 -7.59
CA THR B 176 2.30 13.61 -6.88
C THR B 176 1.54 14.70 -7.71
N LEU B 177 0.62 14.23 -8.56
CA LEU B 177 -0.09 15.15 -9.42
C LEU B 177 -1.38 15.68 -8.75
N SER B 178 -1.98 16.71 -9.32
CA SER B 178 -3.37 17.08 -8.96
C SER B 178 -4.36 15.97 -9.34
N VAL B 179 -5.13 15.50 -8.35
CA VAL B 179 -6.11 14.49 -8.60
C VAL B 179 -7.08 14.97 -9.66
N ASP B 180 -7.57 16.21 -9.49
CA ASP B 180 -8.56 16.76 -10.46
C ASP B 180 -8.06 16.92 -11.89
N ASP B 181 -6.85 17.46 -12.06
CA ASP B 181 -6.26 17.69 -13.37
C ASP B 181 -5.94 16.36 -14.07
N THR B 182 -5.47 15.41 -13.31
CA THR B 182 -5.15 14.07 -13.81
C THR B 182 -6.45 13.39 -14.29
N SER B 183 -7.55 13.59 -13.55
CA SER B 183 -8.82 12.99 -13.94
C SER B 183 -9.23 13.48 -15.35
N ASP B 184 -8.98 14.77 -15.63
CA ASP B 184 -9.22 15.35 -16.99
C ASP B 184 -8.37 14.68 -18.06
N VAL B 185 -7.11 14.43 -17.75
CA VAL B 185 -6.21 13.82 -18.73
C VAL B 185 -6.68 12.35 -18.97
N ILE B 186 -7.07 11.66 -17.92
CA ILE B 186 -7.44 10.24 -18.07
C ILE B 186 -8.75 10.18 -18.85
N ASP B 187 -9.68 11.12 -18.62
CA ASP B 187 -10.92 11.13 -19.42
C ASP B 187 -10.59 11.28 -20.90
N ALA B 188 -9.66 12.18 -21.21
CA ALA B 188 -9.17 12.39 -22.58
C ALA B 188 -8.54 11.12 -23.15
N LEU B 189 -7.71 10.45 -22.37
CA LEU B 189 -7.09 9.21 -22.86
C LEU B 189 -8.15 8.17 -23.19
N ARG B 190 -9.16 8.04 -22.34
CA ARG B 190 -10.12 6.97 -22.58
C ARG B 190 -11.03 7.26 -23.74
N LYS B 191 -11.32 8.54 -23.99
CA LYS B 191 -12.14 8.89 -25.16
C LYS B 191 -11.32 8.76 -26.45
N ARG B 192 -10.03 9.08 -26.38
CA ARG B 192 -9.15 9.08 -27.58
C ARG B 192 -8.74 7.64 -27.89
N PHE B 193 -8.47 6.86 -26.84
CA PHE B 193 -7.97 5.48 -27.03
C PHE B 193 -8.84 4.53 -26.23
N PRO B 194 -9.99 4.13 -26.78
CA PRO B 194 -10.94 3.33 -26.00
C PRO B 194 -10.40 2.02 -25.49
N LYS B 195 -9.38 1.46 -26.15
CA LYS B 195 -8.76 0.18 -25.75
C LYS B 195 -7.69 0.34 -24.67
N ILE B 196 -7.41 1.57 -24.27
CA ILE B 196 -6.35 1.79 -23.27
C ILE B 196 -6.67 1.15 -21.93
N VAL B 197 -5.65 0.55 -21.37
CA VAL B 197 -5.73 -0.09 -20.04
C VAL B 197 -4.89 0.69 -18.98
N GLY B 198 -5.42 0.75 -17.80
CA GLY B 198 -4.79 1.53 -16.73
C GLY B 198 -5.15 0.93 -15.42
N PRO B 199 -4.75 1.62 -14.34
CA PRO B 199 -5.31 1.28 -12.99
C PRO B 199 -6.81 1.73 -12.92
N ARG B 200 -7.53 1.42 -11.83
CA ARG B 200 -8.94 1.89 -11.74
C ARG B 200 -9.05 3.43 -11.94
N LYS B 201 -8.13 4.17 -11.37
CA LYS B 201 -8.22 5.64 -11.48
C LYS B 201 -6.84 6.13 -11.93
N ASP B 202 -5.90 6.23 -11.00
CA ASP B 202 -4.57 6.73 -11.39
C ASP B 202 -3.51 6.10 -10.49
N ASP B 203 -2.27 6.56 -10.58
CA ASP B 203 -1.21 6.12 -9.66
C ASP B 203 -0.88 7.16 -8.63
N ILE B 204 -1.76 8.17 -8.46
CA ILE B 204 -1.52 9.19 -7.47
C ILE B 204 -1.58 8.48 -6.10
N CYS B 205 -0.59 8.75 -5.23
CA CYS B 205 -0.48 7.94 -4.02
C CYS B 205 -1.50 8.43 -2.97
N TYR B 206 -1.65 7.63 -1.91
CA TYR B 206 -2.67 7.96 -0.85
C TYR B 206 -2.32 9.30 -0.22
N ALA B 207 -1.01 9.57 -0.06
CA ALA B 207 -0.58 10.75 0.70
C ALA B 207 -0.98 11.99 -0.11
N THR B 208 -0.78 11.93 -1.44
CA THR B 208 -1.12 13.08 -2.31
C THR B 208 -2.64 13.31 -2.34
N THR B 209 -3.38 12.21 -2.51
CA THR B 209 -4.87 12.27 -2.50
C THR B 209 -5.33 12.85 -1.17
N ASN B 210 -4.77 12.34 -0.07
CA ASN B 210 -5.24 12.77 1.25
C ASN B 210 -4.89 14.23 1.56
N ARG B 211 -3.69 14.69 1.16
CA ARG B 211 -3.34 16.12 1.45
C ARG B 211 -4.15 17.03 0.60
N GLN B 212 -4.47 16.60 -0.63
CA GLN B 212 -5.39 17.46 -1.42
C GLN B 212 -6.83 17.53 -0.83
N GLU B 213 -7.35 16.38 -0.43
CA GLU B 213 -8.64 16.38 0.24
C GLU B 213 -8.59 17.23 1.52
N ALA B 214 -7.51 17.07 2.27
CA ALA B 214 -7.33 17.93 3.47
C ALA B 214 -7.22 19.44 3.21
N VAL B 215 -6.48 19.85 2.18
CA VAL B 215 -6.36 21.29 1.94
C VAL B 215 -7.71 21.83 1.38
N ARG B 216 -8.52 20.97 0.72
CA ARG B 216 -9.80 21.38 0.26
C ARG B 216 -10.69 21.76 1.48
N ALA B 217 -10.70 20.90 2.46
CA ALA B 217 -11.40 21.16 3.73
C ALA B 217 -10.86 22.38 4.47
N LEU B 218 -9.54 22.53 4.50
CA LEU B 218 -8.92 23.72 5.14
C LEU B 218 -9.35 24.99 4.42
N ALA B 219 -9.30 24.97 3.10
CA ALA B 219 -9.58 26.19 2.35
C ALA B 219 -11.04 26.61 2.46
N GLU B 220 -11.95 25.69 2.76
CA GLU B 220 -13.35 26.08 2.96
C GLU B 220 -13.44 27.06 4.12
N GLN B 221 -12.58 26.90 5.11
CA GLN B 221 -12.71 27.64 6.35
C GLN B 221 -11.76 28.85 6.44
N ALA B 222 -10.60 28.79 5.78
CA ALA B 222 -9.53 29.77 5.93
C ALA B 222 -9.53 30.77 4.78
N GLU B 223 -9.22 32.03 5.08
CA GLU B 223 -9.03 33.09 4.05
C GLU B 223 -7.65 32.99 3.38
N VAL B 224 -6.63 32.58 4.15
CA VAL B 224 -5.24 32.57 3.66
C VAL B 224 -4.74 31.17 3.97
N VAL B 225 -3.99 30.54 3.05
CA VAL B 225 -3.45 29.18 3.33
C VAL B 225 -1.97 29.28 3.09
N LEU B 226 -1.19 28.89 4.10
CA LEU B 226 0.25 28.77 3.97
C LEU B 226 0.54 27.32 3.76
N VAL B 227 1.31 27.00 2.74
CA VAL B 227 1.71 25.58 2.52
C VAL B 227 3.19 25.57 2.73
N VAL B 228 3.65 24.79 3.70
CA VAL B 228 5.09 24.62 3.94
C VAL B 228 5.63 23.62 2.95
N GLY B 229 6.61 24.03 2.15
CA GLY B 229 7.22 23.16 1.16
C GLY B 229 8.10 23.98 0.25
N SER B 230 9.00 23.31 -0.46
CA SER B 230 9.97 23.97 -1.33
C SER B 230 9.41 24.19 -2.75
N LYS B 231 10.02 25.11 -3.49
CA LYS B 231 9.51 25.45 -4.82
C LYS B 231 9.59 24.27 -5.82
N ASN B 232 10.48 23.30 -5.60
CA ASN B 232 10.64 22.24 -6.54
C ASN B 232 9.85 21.02 -6.07
N SER B 233 9.03 21.20 -5.04
CA SER B 233 8.15 20.03 -4.61
C SER B 233 6.83 20.04 -5.39
N SER B 234 6.63 19.04 -6.26
CA SER B 234 5.40 18.97 -6.99
C SER B 234 4.22 18.93 -6.01
N ASN B 235 4.24 17.99 -5.06
CA ASN B 235 3.00 17.80 -4.27
C ASN B 235 2.69 19.02 -3.46
N SER B 236 3.76 19.73 -3.03
CA SER B 236 3.56 20.98 -2.25
C SER B 236 2.90 22.07 -3.12
N ASN B 237 3.43 22.23 -4.35
CA ASN B 237 2.77 23.12 -5.34
C ASN B 237 1.28 22.80 -5.61
N ARG B 238 0.94 21.51 -5.64
CA ARG B 238 -0.44 21.10 -5.91
C ARG B 238 -1.33 21.58 -4.77
N LEU B 239 -0.81 21.54 -3.53
CA LEU B 239 -1.59 22.00 -2.40
C LEU B 239 -1.87 23.50 -2.48
N ALA B 240 -0.86 24.32 -2.77
CA ALA B 240 -1.04 25.78 -2.90
C ALA B 240 -1.99 26.07 -4.04
N GLU B 241 -1.79 25.35 -5.15
CA GLU B 241 -2.65 25.59 -6.36
C GLU B 241 -4.10 25.31 -6.05
N LEU B 242 -4.40 24.22 -5.35
CA LEU B 242 -5.77 23.81 -5.06
C LEU B 242 -6.46 24.88 -4.22
N ALA B 243 -5.76 25.36 -3.19
CA ALA B 243 -6.31 26.47 -2.38
C ALA B 243 -6.60 27.73 -3.16
N GLN B 244 -5.64 28.13 -4.00
CA GLN B 244 -5.74 29.31 -4.90
C GLN B 244 -6.96 29.13 -5.81
N ARG B 245 -7.12 27.94 -6.39
CA ARG B 245 -8.24 27.67 -7.29
C ARG B 245 -9.56 27.79 -6.57
N MET B 246 -9.55 27.60 -5.25
CA MET B 246 -10.75 27.77 -4.44
C MET B 246 -11.00 29.21 -4.02
N GLY B 247 -10.18 30.12 -4.53
CA GLY B 247 -10.36 31.55 -4.33
C GLY B 247 -9.75 32.03 -3.02
N LYS B 248 -8.85 31.26 -2.42
CA LYS B 248 -8.19 31.72 -1.17
C LYS B 248 -6.83 32.24 -1.54
N ARG B 249 -6.26 33.15 -0.75
CA ARG B 249 -4.86 33.57 -0.95
C ARG B 249 -3.89 32.47 -0.39
N ALA B 250 -3.04 31.91 -1.26
CA ALA B 250 -2.21 30.73 -0.91
C ALA B 250 -0.78 31.12 -1.12
N PHE B 251 0.09 30.72 -0.19
CA PHE B 251 1.52 30.95 -0.30
C PHE B 251 2.27 29.65 -0.05
N LEU B 252 3.26 29.36 -0.89
CA LEU B 252 4.20 28.26 -0.64
C LEU B 252 5.42 28.89 0.01
N ILE B 253 5.75 28.37 1.18
CA ILE B 253 6.86 28.92 1.97
C ILE B 253 7.78 27.81 2.42
N ASP B 254 9.09 28.09 2.44
CA ASP B 254 10.03 27.09 2.95
C ASP B 254 10.07 27.06 4.44
N ASP B 255 9.81 28.23 5.06
CA ASP B 255 9.79 28.31 6.51
C ASP B 255 9.25 29.61 7.04
N ALA B 256 9.22 29.67 8.36
CA ALA B 256 8.49 30.80 9.05
C ALA B 256 9.02 32.17 8.62
N LYS B 257 10.32 32.24 8.29
CA LYS B 257 10.98 33.51 7.91
C LYS B 257 10.47 34.09 6.61
N ASP B 258 9.88 33.24 5.78
CA ASP B 258 9.26 33.70 4.53
C ASP B 258 7.95 34.49 4.69
N ILE B 259 7.25 34.29 5.81
CA ILE B 259 5.96 34.94 6.04
C ILE B 259 6.11 36.48 6.14
N GLN B 260 5.32 37.22 5.33
CA GLN B 260 5.31 38.67 5.34
C GLN B 260 4.11 39.05 6.15
N GLU B 261 4.26 39.97 7.10
CA GLU B 261 3.06 40.41 7.87
C GLU B 261 1.86 40.91 7.02
N GLU B 262 2.15 41.60 5.90
CA GLU B 262 1.16 42.05 4.90
C GLU B 262 0.18 40.90 4.60
N TRP B 263 0.69 39.67 4.54
CA TRP B 263 -0.11 38.55 4.10
C TRP B 263 -1.26 38.27 4.99
N VAL B 264 -1.07 38.53 6.28
CA VAL B 264 -2.02 38.10 7.29
C VAL B 264 -2.63 39.27 8.07
N LYS B 265 -2.28 40.52 7.73
CA LYS B 265 -2.86 41.65 8.48
C LYS B 265 -4.38 41.64 8.32
N GLU B 266 -5.08 41.70 9.45
CA GLU B 266 -6.55 41.73 9.50
C GLU B 266 -7.24 40.50 8.96
N VAL B 267 -6.51 39.41 8.87
CA VAL B 267 -7.05 38.17 8.39
C VAL B 267 -7.61 37.47 9.62
N LYS B 268 -8.82 36.94 9.54
CA LYS B 268 -9.43 36.34 10.73
C LYS B 268 -9.14 34.85 10.85
N CYS B 269 -8.96 34.18 9.73
CA CYS B 269 -8.69 32.78 9.79
C CYS B 269 -7.54 32.42 8.85
N VAL B 270 -6.47 31.89 9.40
CA VAL B 270 -5.33 31.45 8.49
C VAL B 270 -5.16 29.93 8.64
N GLY B 271 -4.94 29.23 7.54
CA GLY B 271 -4.71 27.81 7.58
C GLY B 271 -3.31 27.49 7.19
N VAL B 272 -2.81 26.39 7.75
CA VAL B 272 -1.45 25.95 7.51
C VAL B 272 -1.56 24.49 7.08
N THR B 273 -0.82 24.17 6.02
CA THR B 273 -0.66 22.73 5.74
C THR B 273 0.82 22.56 5.36
N ALA B 274 1.22 21.36 4.98
CA ALA B 274 2.60 21.07 4.63
C ALA B 274 2.59 19.99 3.61
N GLY B 275 3.50 20.08 2.66
CA GLY B 275 3.67 19.04 1.63
C GLY B 275 4.25 17.78 2.26
N ALA B 276 4.25 16.69 1.52
CA ALA B 276 4.69 15.37 2.09
C ALA B 276 6.19 15.36 2.44
N SER B 277 6.94 16.30 1.87
CA SER B 277 8.37 16.33 2.12
C SER B 277 8.80 17.39 3.21
N ALA B 278 7.82 18.07 3.83
CA ALA B 278 8.15 19.12 4.85
C ALA B 278 8.09 18.59 6.28
N PRO B 279 9.20 18.69 7.04
CA PRO B 279 9.18 18.20 8.46
C PRO B 279 8.25 19.02 9.37
N ASP B 280 7.73 18.35 10.40
CA ASP B 280 6.80 19.00 11.31
C ASP B 280 7.39 20.19 12.03
N ILE B 281 8.68 20.19 12.33
CA ILE B 281 9.22 21.29 13.12
C ILE B 281 9.01 22.58 12.32
N LEU B 282 9.11 22.50 10.99
CA LEU B 282 8.85 23.71 10.17
C LEU B 282 7.45 24.21 10.39
N VAL B 283 6.45 23.34 10.42
CA VAL B 283 5.06 23.79 10.74
C VAL B 283 4.96 24.42 12.16
N GLN B 284 5.58 23.81 13.16
CA GLN B 284 5.57 24.29 14.52
C GLN B 284 6.13 25.70 14.52
N ASN B 285 7.23 25.91 13.78
CA ASN B 285 7.82 27.28 13.77
C ASN B 285 6.92 28.29 13.02
N VAL B 286 6.23 27.83 11.97
CA VAL B 286 5.31 28.72 11.25
C VAL B 286 4.14 29.12 12.17
N VAL B 287 3.59 28.16 12.90
CA VAL B 287 2.52 28.45 13.82
C VAL B 287 3.01 29.48 14.89
N ALA B 288 4.25 29.29 15.37
CA ALA B 288 4.83 30.22 16.37
C ALA B 288 4.96 31.65 15.81
N ARG B 289 5.33 31.77 14.52
CA ARG B 289 5.40 33.05 13.81
C ARG B 289 4.01 33.66 13.68
N LEU B 290 2.99 32.84 13.36
CA LEU B 290 1.64 33.35 13.19
C LEU B 290 1.10 33.82 14.53
N GLN B 291 1.49 33.14 15.62
CA GLN B 291 1.07 33.59 16.95
C GLN B 291 1.71 34.94 17.28
N GLN B 292 2.98 35.11 16.96
CA GLN B 292 3.57 36.46 17.12
C GLN B 292 2.83 37.53 16.36
N LEU B 293 2.17 37.13 15.28
CA LEU B 293 1.47 38.07 14.46
C LEU B 293 0.00 38.12 14.85
N GLY B 294 -0.35 37.59 16.01
CA GLY B 294 -1.70 37.74 16.48
C GLY B 294 -2.52 36.47 16.56
N GLY B 295 -2.02 35.35 16.07
CA GLY B 295 -2.83 34.13 16.09
C GLY B 295 -3.00 33.50 17.47
N GLY B 296 -4.03 32.66 17.61
CA GLY B 296 -4.33 31.96 18.87
C GLY B 296 -3.74 30.57 18.81
N GLU B 297 -4.26 29.65 19.64
CA GLU B 297 -3.81 28.27 19.66
C GLU B 297 -4.09 27.64 18.28
N ALA B 298 -3.22 26.78 17.80
CA ALA B 298 -3.43 26.22 16.48
C ALA B 298 -4.47 25.13 16.67
N ILE B 299 -5.52 25.15 15.84
CA ILE B 299 -6.56 24.10 15.92
C ILE B 299 -6.43 23.11 14.75
N PRO B 300 -6.09 21.82 15.04
CA PRO B 300 -6.11 20.81 13.98
C PRO B 300 -7.55 20.43 13.54
N LEU B 301 -7.83 20.44 12.25
CA LEU B 301 -9.08 19.96 11.71
C LEU B 301 -9.15 18.43 11.85
N GLU B 302 -10.35 17.86 11.89
CA GLU B 302 -10.49 16.40 11.92
C GLU B 302 -10.14 15.91 10.52
N GLY B 303 -9.46 14.78 10.38
CA GLY B 303 -9.01 14.38 9.03
C GLY B 303 -9.01 12.87 8.87
N ARG B 304 -8.87 12.42 7.64
CA ARG B 304 -8.75 11.01 7.34
C ARG B 304 -7.49 10.53 8.01
N GLU B 305 -7.60 9.36 8.64
CA GLU B 305 -6.52 8.75 9.39
C GLU B 305 -5.57 8.13 8.41
N GLU B 306 -4.26 8.25 8.67
CA GLU B 306 -3.22 7.58 7.87
C GLU B 306 -2.57 6.60 8.78
N ASN B 307 -2.34 5.39 8.30
CA ASN B 307 -1.73 4.37 9.13
C ASN B 307 -0.59 3.62 8.49
N ILE B 308 -0.18 4.06 7.30
CA ILE B 308 0.93 3.36 6.60
C ILE B 308 2.31 3.80 7.06
N VAL B 309 3.19 2.84 7.23
CA VAL B 309 4.57 3.07 7.55
C VAL B 309 5.36 2.17 6.58
N PHE B 310 6.49 2.72 6.04
CA PHE B 310 7.41 1.87 5.28
C PHE B 310 8.74 1.82 5.99
N GLU B 311 9.18 0.62 6.38
CA GLU B 311 10.42 0.45 7.16
C GLU B 311 11.68 0.62 6.26
N VAL B 312 12.77 1.02 6.89
CA VAL B 312 14.08 1.05 6.22
C VAL B 312 14.53 -0.41 5.97
N PRO B 313 15.46 -0.61 5.02
CA PRO B 313 16.06 -1.91 4.76
C PRO B 313 16.63 -2.42 6.10
N LYS B 314 16.51 -3.72 6.39
CA LYS B 314 17.00 -4.31 7.66
C LYS B 314 18.47 -3.97 7.91
N GLU B 315 19.30 -3.93 6.85
CA GLU B 315 20.73 -3.54 6.95
C GLU B 315 20.95 -2.15 7.57
N LEU B 316 19.99 -1.25 7.47
CA LEU B 316 20.10 0.06 8.05
C LEU B 316 19.32 0.28 9.36
N ARG B 317 18.82 -0.77 9.99
CA ARG B 317 18.19 -0.63 11.29
C ARG B 317 19.18 -0.06 12.30
N VAL B 318 18.69 0.81 13.18
CA VAL B 318 19.55 1.42 14.22
C VAL B 318 19.05 0.94 15.60
FE1 F3S C . -2.68 -9.58 5.42
FE3 F3S C . -4.21 -7.51 4.66
FE4 F3S C . -3.22 -9.27 2.90
S1 F3S C . -4.52 -8.91 6.42
S2 F3S C . -3.04 -11.23 3.96
S3 F3S C . -1.96 -7.77 4.21
S4 F3S C . -5.23 -8.26 2.80
O25 0CJ D . -8.46 -11.98 4.09
C13 0CJ D . -7.62 -11.30 4.73
C22 0CJ D . -7.97 -9.89 4.96
C30 0CJ D . -6.39 -11.90 5.27
C27 0CJ D . -6.33 -11.96 6.77
C28 0CJ D . -5.19 -12.73 7.34
O29 0CJ D . -5.21 -14.15 7.03
P13 0CJ D . -6.37 -15.12 7.37
O15 0CJ D . -5.72 -16.47 7.40
O14 0CJ D . -6.96 -14.63 8.61
O16 0CJ D . -7.50 -14.90 6.23
P17 0CJ D . -7.69 -15.71 4.90
O20 0CJ D . -8.62 -16.87 5.19
O18 0CJ D . -6.39 -16.15 4.28
O19 0CJ D . -8.35 -14.76 3.96
FE1 F3S E . 5.28 10.14 -0.29
FE3 F3S E . 5.66 7.85 -1.67
FE4 F3S E . 3.53 9.48 -2.13
S1 F3S E . 7.21 9.44 -1.15
S2 F3S E . 4.23 11.60 -1.61
S3 F3S E . 3.97 8.21 -0.16
S4 F3S E . 4.72 8.25 -3.67
O25 0CJ F . 7.48 11.89 -6.10
C13 0CJ F . 7.45 11.36 -4.97
C22 0CJ F . 7.71 9.95 -4.88
C30 0CJ F . 7.21 12.15 -3.74
C27 0CJ F . 8.41 12.33 -2.83
C28 0CJ F . 8.18 13.26 -1.66
O29 0CJ F . 7.83 14.61 -1.99
P13 0CJ F . 8.76 15.53 -2.88
O15 0CJ F . 10.11 15.18 -2.59
O14 0CJ F . 8.39 16.95 -2.56
O16 0CJ F . 8.57 15.16 -4.42
P17 0CJ F . 7.50 15.72 -5.46
O20 0CJ F . 6.28 16.20 -4.79
O18 0CJ F . 7.23 14.61 -6.42
O19 0CJ F . 8.17 16.92 -6.15
#